data_3X2K
#
_entry.id   3X2K
#
_cell.length_a   38.616
_cell.length_b   58.323
_cell.length_c   62.792
_cell.angle_alpha   90.00
_cell.angle_beta   90.00
_cell.angle_gamma   90.00
#
_symmetry.space_group_name_H-M   'P 21 21 21'
#
loop_
_entity.id
_entity.type
_entity.pdbx_description
1 polymer 'Endoglucanase V-like protein'
2 branched beta-D-glucopyranose-(1-4)-beta-D-glucopyranose-(1-4)-beta-D-glucopyranose-(1-4)-beta-D-glucopyranose-(1-4)-alpha-D-glucopyranose
3 branched beta-D-glucopyranose-(1-4)-beta-D-glucopyranose-(1-4)-beta-D-glucopyranose-(1-4)-beta-D-glucopyranose-(1-4)-beta-D-glucopyranose
4 non-polymer 3-methylpentane-1,5-diol
5 non-polymer 2-AMINO-2-HYDROXYMETHYL-PROPANE-1,3-DIOL
6 water water
#
_entity_poly.entity_id   1
_entity_poly.type   'polypeptide(L)'
_entity_poly.pdbx_seq_one_letter_code
;ATGGYVQQATGQASFTMYSGCGSPACGKAASGFTAAINQLAFGSAPGLGAGDACGRCFALTGNHDPYSPNYTGPFGQTIV
VKVTDLCPVQGNQEFCGQTTSNPTNQHGMPFHFNICEDTGGSAKFFPSGHGALTGTFTEVSCSQWSGSDGGQLWNGACLS
GETAPNWPSTACGNKGTAPS
;
_entity_poly.pdbx_strand_id   A
#
loop_
_chem_comp.id
_chem_comp.type
_chem_comp.name
_chem_comp.formula
40S non-polymer 3-methylpentane-1,5-diol 'C6 H14 O2'
BGC D-saccharide, beta linking beta-D-glucopyranose 'C6 H12 O6'
GLC D-saccharide, alpha linking alpha-D-glucopyranose 'C6 H12 O6'
TRS non-polymer 2-AMINO-2-HYDROXYMETHYL-PROPANE-1,3-DIOL 'C4 H12 N O3 1'
#
# COMPACT_ATOMS: atom_id res chain seq x y z
N ALA A 1 -0.36 16.90 -8.47
CA ALA A 1 -1.52 16.43 -7.73
C ALA A 1 -1.72 17.31 -6.52
N THR A 2 -2.94 17.32 -6.00
CA THR A 2 -3.20 18.05 -4.77
C THR A 2 -2.25 17.62 -3.66
N GLY A 3 -1.72 18.61 -2.95
CA GLY A 3 -0.79 18.38 -1.86
C GLY A 3 0.62 17.99 -2.27
N GLY A 4 0.87 17.82 -3.57
CA GLY A 4 2.18 17.36 -4.01
C GLY A 4 2.45 15.89 -3.79
N TYR A 5 1.39 15.11 -3.50
CA TYR A 5 1.58 13.68 -3.34
C TYR A 5 1.94 13.04 -4.68
N VAL A 6 2.56 11.85 -4.60
CA VAL A 6 3.05 11.14 -5.78
C VAL A 6 2.25 9.85 -5.89
N GLN A 7 1.37 9.82 -6.89
CA GLN A 7 0.31 8.83 -6.99
C GLN A 7 0.20 8.40 -8.43
N GLN A 8 0.52 7.13 -8.70
N GLN A 8 0.48 7.11 -8.68
CA GLN A 8 0.43 6.61 -10.06
CA GLN A 8 0.54 6.56 -10.03
C GLN A 8 -0.12 5.21 -10.01
C GLN A 8 -0.10 5.18 -10.01
N ALA A 9 -0.75 4.81 -11.11
CA ALA A 9 -1.48 3.55 -11.18
C ALA A 9 -0.59 2.29 -11.21
N THR A 10 0.59 2.41 -11.80
CA THR A 10 1.47 1.27 -11.95
C THR A 10 2.90 1.72 -11.63
N GLY A 11 3.73 0.79 -11.16
CA GLY A 11 5.11 1.13 -10.87
C GLY A 11 5.83 0.02 -10.16
N GLN A 12 6.97 0.39 -9.60
CA GLN A 12 7.78 -0.50 -8.79
C GLN A 12 7.64 -0.11 -7.33
N ALA A 13 7.61 -1.13 -6.47
CA ALA A 13 7.46 -0.92 -5.03
C ALA A 13 8.27 -1.94 -4.25
N SER A 14 8.58 -1.57 -3.01
CA SER A 14 8.97 -2.52 -2.00
C SER A 14 7.76 -2.97 -1.20
N PHE A 15 7.96 -4.02 -0.42
CA PHE A 15 6.89 -4.69 0.31
C PHE A 15 7.39 -5.18 1.66
N THR A 16 6.59 -4.96 2.70
CA THR A 16 6.79 -5.56 4.02
C THR A 16 5.43 -5.99 4.54
N MET A 17 5.42 -6.56 5.73
CA MET A 17 4.16 -6.91 6.39
C MET A 17 4.03 -6.15 7.70
N TYR A 18 2.80 -5.90 8.11
CA TYR A 18 2.52 -5.29 9.42
C TYR A 18 1.25 -5.86 9.97
N SER A 19 1.02 -5.65 11.26
N SER A 19 1.03 -5.59 11.25
CA SER A 19 -0.23 -6.12 11.84
CA SER A 19 -0.11 -6.13 11.99
C SER A 19 -0.95 -4.98 12.51
C SER A 19 -0.92 -5.02 12.64
N GLY A 20 -2.24 -5.19 12.69
CA GLY A 20 -3.09 -4.22 13.36
C GLY A 20 -3.65 -3.16 12.43
N CYS A 21 -4.52 -3.58 11.51
CA CYS A 21 -5.11 -2.66 10.55
C CYS A 21 -6.62 -2.57 10.71
N GLY A 22 -7.10 -2.79 11.94
CA GLY A 22 -8.52 -2.69 12.21
C GLY A 22 -9.07 -1.29 12.38
N SER A 23 -8.20 -0.32 12.60
CA SER A 23 -8.65 1.07 12.68
C SER A 23 -7.77 1.92 11.78
N PRO A 24 -7.78 1.62 10.47
CA PRO A 24 -6.79 2.18 9.56
C PRO A 24 -7.12 3.60 9.14
N ALA A 25 -6.15 4.21 8.46
CA ALA A 25 -6.21 5.64 8.17
C ALA A 25 -7.33 6.05 7.24
N CYS A 26 -7.86 5.13 6.43
CA CYS A 26 -8.99 5.47 5.57
C CYS A 26 -10.31 5.52 6.36
N GLY A 27 -10.33 4.95 7.56
CA GLY A 27 -11.51 5.00 8.39
C GLY A 27 -12.49 3.85 8.18
N LYS A 28 -12.18 2.95 7.26
CA LYS A 28 -12.89 1.68 7.13
C LYS A 28 -11.82 0.62 6.90
N ALA A 29 -11.95 -0.49 7.62
CA ALA A 29 -11.16 -1.68 7.33
C ALA A 29 -11.88 -2.51 6.26
N ALA A 30 -11.36 -3.70 5.97
CA ALA A 30 -12.00 -4.58 4.98
C ALA A 30 -11.61 -6.01 5.27
N SER A 31 -12.41 -6.97 4.82
CA SER A 31 -12.20 -8.37 5.17
C SER A 31 -11.25 -9.08 4.20
N GLY A 32 -11.08 -8.52 3.01
CA GLY A 32 -10.12 -9.06 2.05
C GLY A 32 -8.71 -8.63 2.37
N PHE A 33 -7.78 -8.98 1.48
CA PHE A 33 -6.39 -8.57 1.68
C PHE A 33 -6.31 -7.05 1.67
N THR A 34 -5.56 -6.48 2.60
CA THR A 34 -5.41 -5.03 2.64
C THR A 34 -3.96 -4.65 2.80
N ALA A 35 -3.68 -3.41 2.43
CA ALA A 35 -2.37 -2.84 2.65
C ALA A 35 -2.45 -1.39 3.09
N ALA A 36 -1.35 -0.97 3.68
CA ALA A 36 -1.03 0.44 3.81
C ALA A 36 -0.09 0.80 2.65
N ILE A 37 -0.21 2.02 2.15
CA ILE A 37 0.72 2.52 1.15
C ILE A 37 1.51 3.65 1.77
N ASN A 38 2.75 3.84 1.32
CA ASN A 38 3.60 4.89 1.87
C ASN A 38 2.90 6.25 1.81
N GLN A 39 3.21 7.09 2.81
CA GLN A 39 2.55 8.37 3.01
C GLN A 39 2.51 9.25 1.76
N LEU A 40 3.63 9.32 1.04
CA LEU A 40 3.73 10.15 -0.14
C LEU A 40 2.72 9.76 -1.23
N ALA A 41 2.34 8.48 -1.28
CA ALA A 41 1.29 7.99 -2.18
C ALA A 41 -0.10 7.94 -1.52
N PHE A 42 -0.15 7.79 -0.20
CA PHE A 42 -1.43 7.68 0.49
C PHE A 42 -2.30 8.92 0.31
N GLY A 43 -1.66 10.09 0.40
CA GLY A 43 -2.38 11.33 0.22
C GLY A 43 -2.94 11.94 1.50
N SER A 44 -2.32 11.64 2.63
CA SER A 44 -2.71 12.23 3.90
C SER A 44 -1.52 12.11 4.85
N ALA A 45 -1.72 12.47 6.11
CA ALA A 45 -0.70 12.39 7.14
C ALA A 45 -1.35 11.83 8.39
N PRO A 46 -0.55 11.30 9.33
CA PRO A 46 -1.12 10.79 10.58
C PRO A 46 -2.09 11.79 11.19
N GLY A 47 -3.29 11.31 11.53
CA GLY A 47 -4.31 12.12 12.16
C GLY A 47 -5.31 12.81 11.23
N LEU A 48 -4.97 12.92 9.95
CA LEU A 48 -5.80 13.70 9.02
C LEU A 48 -6.85 12.86 8.29
N GLY A 49 -6.86 11.56 8.53
CA GLY A 49 -7.86 10.71 7.90
C GLY A 49 -7.52 10.28 6.48
N ALA A 50 -8.54 10.05 5.67
CA ALA A 50 -8.40 9.37 4.38
C ALA A 50 -7.66 10.22 3.36
N GLY A 51 -6.83 9.57 2.55
CA GLY A 51 -6.22 10.18 1.39
C GLY A 51 -6.72 9.52 0.12
N ASP A 52 -6.20 9.98 -1.01
CA ASP A 52 -6.75 9.53 -2.29
C ASP A 52 -6.39 8.10 -2.68
N ALA A 53 -5.47 7.46 -1.96
CA ALA A 53 -5.21 6.04 -2.22
C ALA A 53 -6.36 5.16 -1.71
N CYS A 54 -7.18 5.70 -0.80
CA CYS A 54 -8.13 4.86 -0.06
C CYS A 54 -9.13 4.12 -0.94
N GLY A 55 -9.18 2.80 -0.75
CA GLY A 55 -10.10 1.93 -1.44
C GLY A 55 -9.61 1.37 -2.76
N ARG A 56 -8.52 1.92 -3.29
CA ARG A 56 -8.02 1.39 -4.55
C ARG A 56 -7.46 0.00 -4.36
N CYS A 57 -7.64 -0.84 -5.38
CA CYS A 57 -7.14 -2.21 -5.38
C CYS A 57 -5.96 -2.31 -6.32
N PHE A 58 -4.94 -3.02 -5.88
CA PHE A 58 -3.70 -3.19 -6.64
C PHE A 58 -3.30 -4.64 -6.66
N ALA A 59 -2.88 -5.10 -7.84
CA ALA A 59 -2.18 -6.38 -7.96
C ALA A 59 -0.71 -6.15 -7.64
N LEU A 60 -0.22 -6.89 -6.65
CA LEU A 60 1.15 -6.78 -6.14
C LEU A 60 1.91 -8.04 -6.50
N THR A 61 3.11 -7.85 -7.05
CA THR A 61 3.96 -8.98 -7.42
C THR A 61 5.37 -8.77 -6.86
N GLY A 62 5.79 -9.68 -5.98
CA GLY A 62 7.13 -9.67 -5.44
C GLY A 62 8.04 -10.55 -6.28
N ASN A 63 9.19 -10.01 -6.68
CA ASN A 63 10.08 -10.76 -7.56
C ASN A 63 11.55 -10.68 -7.16
N HIS A 64 11.84 -10.16 -5.98
CA HIS A 64 13.22 -9.98 -5.54
C HIS A 64 13.24 -9.76 -4.03
N ASP A 65 14.25 -10.33 -3.37
CA ASP A 65 14.51 -10.10 -1.95
C ASP A 65 15.75 -9.19 -1.87
N PRO A 66 15.57 -7.90 -1.56
CA PRO A 66 16.72 -6.99 -1.60
C PRO A 66 17.76 -7.29 -0.52
N TYR A 67 17.38 -8.04 0.52
CA TYR A 67 18.32 -8.38 1.56
C TYR A 67 19.16 -9.62 1.21
N SER A 68 18.67 -10.41 0.25
CA SER A 68 19.38 -11.59 -0.25
C SER A 68 19.23 -11.57 -1.77
N PRO A 69 19.98 -10.70 -2.45
N PRO A 69 19.96 -10.67 -2.45
CA PRO A 69 19.65 -10.42 -3.85
CA PRO A 69 19.75 -10.43 -3.88
C PRO A 69 19.90 -11.57 -4.82
C PRO A 69 19.97 -11.65 -4.78
N ASN A 70 20.64 -12.60 -4.44
N ASN A 70 20.65 -12.67 -4.28
CA ASN A 70 20.80 -13.76 -5.33
CA ASN A 70 20.90 -13.86 -5.08
C ASN A 70 19.74 -14.86 -5.10
C ASN A 70 19.73 -14.82 -5.11
N TYR A 71 18.77 -14.62 -4.21
CA TYR A 71 17.61 -15.51 -4.10
C TYR A 71 16.72 -15.30 -5.32
N THR A 72 16.28 -16.38 -5.96
CA THR A 72 15.45 -16.23 -7.16
C THR A 72 14.15 -17.02 -7.07
N GLY A 73 13.75 -17.36 -5.85
CA GLY A 73 12.46 -17.99 -5.64
C GLY A 73 12.58 -19.29 -4.89
N PRO A 74 11.44 -19.86 -4.47
N PRO A 74 11.45 -19.85 -4.46
CA PRO A 74 10.14 -19.29 -4.80
CA PRO A 74 10.08 -19.38 -4.67
C PRO A 74 9.80 -18.03 -4.04
C PRO A 74 9.78 -18.02 -4.01
N PHE A 75 9.02 -17.19 -4.71
CA PHE A 75 8.44 -16.02 -4.09
C PHE A 75 7.05 -16.41 -3.62
N GLY A 76 6.27 -15.45 -3.15
CA GLY A 76 4.88 -15.72 -2.81
C GLY A 76 4.02 -15.61 -4.05
N GLN A 77 2.72 -15.53 -3.82
N GLN A 77 2.72 -15.51 -3.81
CA GLN A 77 1.81 -15.37 -4.93
CA GLN A 77 1.77 -15.33 -4.89
C GLN A 77 1.58 -13.88 -5.21
C GLN A 77 1.61 -13.85 -5.21
N THR A 78 1.26 -13.56 -6.46
CA THR A 78 0.70 -12.26 -6.79
C THR A 78 -0.64 -12.16 -6.08
N ILE A 79 -0.88 -11.07 -5.38
CA ILE A 79 -2.14 -10.88 -4.68
C ILE A 79 -2.76 -9.55 -5.04
N VAL A 80 -4.08 -9.46 -4.85
CA VAL A 80 -4.79 -8.20 -5.00
C VAL A 80 -5.17 -7.67 -3.64
N VAL A 81 -4.66 -6.48 -3.32
CA VAL A 81 -4.97 -5.85 -2.04
C VAL A 81 -5.86 -4.65 -2.26
N LYS A 82 -6.59 -4.26 -1.21
CA LYS A 82 -7.26 -2.96 -1.16
C LYS A 82 -6.50 -2.09 -0.17
N VAL A 83 -6.15 -0.87 -0.59
CA VAL A 83 -5.46 0.05 0.30
C VAL A 83 -6.46 0.63 1.29
N THR A 84 -6.19 0.40 2.57
CA THR A 84 -7.05 0.94 3.64
C THR A 84 -6.26 1.83 4.59
N ASP A 85 -4.94 1.91 4.42
CA ASP A 85 -4.11 2.45 5.51
C ASP A 85 -2.88 3.19 4.98
N LEU A 86 -2.26 3.94 5.91
CA LEU A 86 -1.14 4.85 5.63
C LEU A 86 0.10 4.32 6.33
N CYS A 87 1.17 4.10 5.57
CA CYS A 87 2.45 3.73 6.14
C CYS A 87 3.26 5.03 6.25
N PRO A 88 3.39 5.58 7.47
CA PRO A 88 3.94 6.93 7.63
C PRO A 88 5.45 6.98 7.45
N VAL A 89 5.94 8.15 7.04
CA VAL A 89 7.37 8.40 7.02
C VAL A 89 7.97 8.24 8.42
N GLN A 90 7.28 8.76 9.42
CA GLN A 90 7.77 8.70 10.79
C GLN A 90 7.97 7.25 11.21
N GLY A 91 9.16 6.94 11.70
CA GLY A 91 9.47 5.64 12.27
C GLY A 91 9.63 4.52 11.26
N ASN A 92 9.47 4.84 9.99
CA ASN A 92 9.45 3.81 8.93
C ASN A 92 10.18 4.32 7.71
N GLN A 93 11.31 4.96 7.93
CA GLN A 93 12.00 5.64 6.84
C GLN A 93 12.54 4.68 5.78
N GLU A 94 13.07 3.54 6.22
CA GLU A 94 13.70 2.60 5.28
C GLU A 94 12.77 2.29 4.11
N PHE A 95 11.51 1.99 4.43
CA PHE A 95 10.54 1.54 3.44
C PHE A 95 9.51 2.59 3.05
N CYS A 96 9.02 3.36 4.02
CA CYS A 96 7.93 4.28 3.77
C CYS A 96 8.37 5.75 3.79
N GLY A 97 9.69 5.97 3.76
CA GLY A 97 10.25 7.31 3.90
C GLY A 97 10.30 8.16 2.65
N GLN A 98 9.56 7.79 1.60
CA GLN A 98 9.53 8.65 0.41
C GLN A 98 8.97 10.03 0.75
N THR A 99 9.65 11.07 0.29
CA THR A 99 9.24 12.44 0.56
C THR A 99 9.52 13.26 -0.70
N THR A 100 9.10 14.53 -0.70
CA THR A 100 9.46 15.38 -1.84
C THR A 100 10.98 15.49 -2.01
N SER A 101 11.72 15.55 -0.90
CA SER A 101 13.18 15.65 -1.00
C SER A 101 13.84 14.34 -1.40
N ASN A 102 13.25 13.22 -0.98
CA ASN A 102 13.80 11.90 -1.27
C ASN A 102 12.68 10.99 -1.71
N PRO A 103 12.29 11.11 -3.00
N PRO A 103 12.32 11.08 -3.00
CA PRO A 103 11.09 10.38 -3.43
CA PRO A 103 11.10 10.40 -3.43
C PRO A 103 11.25 8.88 -3.49
C PRO A 103 11.26 8.88 -3.59
N THR A 104 12.47 8.37 -3.41
CA THR A 104 12.64 6.91 -3.33
C THR A 104 13.15 6.54 -1.95
N ASN A 105 12.78 5.35 -1.50
CA ASN A 105 13.21 4.86 -0.20
C ASN A 105 14.61 4.25 -0.24
N GLN A 106 15.03 3.57 0.82
CA GLN A 106 16.41 3.09 0.88
C GLN A 106 16.69 1.96 -0.10
N HIS A 107 15.62 1.41 -0.67
CA HIS A 107 15.72 0.37 -1.68
C HIS A 107 15.49 0.94 -3.08
N GLY A 108 15.53 2.27 -3.18
CA GLY A 108 15.35 2.94 -4.46
C GLY A 108 13.95 2.90 -5.01
N MET A 109 12.96 2.57 -4.16
CA MET A 109 11.61 2.38 -4.65
C MET A 109 10.75 3.60 -4.36
N PRO A 110 10.00 4.07 -5.38
CA PRO A 110 9.16 5.25 -5.21
C PRO A 110 7.83 4.99 -4.51
N PHE A 111 7.50 3.72 -4.27
CA PHE A 111 6.28 3.32 -3.58
C PHE A 111 6.61 2.15 -2.66
N HIS A 112 5.75 1.98 -1.65
CA HIS A 112 5.86 0.85 -0.74
C HIS A 112 4.47 0.40 -0.33
N PHE A 113 4.25 -0.91 -0.36
CA PHE A 113 3.04 -1.51 0.21
C PHE A 113 3.40 -2.33 1.45
N ASN A 114 2.78 -1.96 2.56
CA ASN A 114 2.90 -2.66 3.83
C ASN A 114 1.64 -3.53 3.91
N ILE A 115 1.80 -4.83 3.69
CA ILE A 115 0.66 -5.71 3.55
C ILE A 115 0.23 -6.16 4.93
N CYS A 116 -1.06 -5.98 5.24
CA CYS A 116 -1.53 -6.27 6.59
C CYS A 116 -1.69 -7.79 6.82
N GLU A 117 -1.18 -8.28 7.94
CA GLU A 117 -1.28 -9.69 8.26
C GLU A 117 -2.70 -10.07 8.63
N ASP A 118 -3.49 -9.13 9.14
CA ASP A 118 -4.73 -9.45 9.85
C ASP A 118 -5.69 -10.26 8.98
N THR A 119 -5.75 -9.95 7.69
CA THR A 119 -6.68 -10.64 6.79
C THR A 119 -5.97 -11.56 5.80
N GLY A 120 -4.71 -11.91 6.08
CA GLY A 120 -4.06 -13.01 5.38
C GLY A 120 -3.21 -12.68 4.18
N GLY A 121 -3.18 -11.42 3.74
CA GLY A 121 -2.45 -11.10 2.53
C GLY A 121 -0.97 -11.42 2.59
N SER A 122 -0.35 -11.11 3.73
CA SER A 122 1.07 -11.35 3.87
C SER A 122 1.44 -12.82 3.90
N ALA A 123 0.54 -13.67 4.39
CA ALA A 123 0.78 -15.10 4.42
C ALA A 123 0.90 -15.64 3.01
N LYS A 124 0.20 -15.01 2.07
N LYS A 124 0.17 -15.07 2.06
CA LYS A 124 0.16 -15.47 0.69
CA LYS A 124 0.24 -15.53 0.67
C LYS A 124 1.24 -14.81 -0.18
C LYS A 124 1.40 -14.88 -0.09
N PHE A 125 1.70 -13.63 0.25
CA PHE A 125 2.65 -12.85 -0.53
C PHE A 125 4.12 -13.11 -0.20
N PHE A 126 4.42 -13.34 1.07
CA PHE A 126 5.82 -13.52 1.48
C PHE A 126 6.15 -14.98 1.72
N PRO A 127 7.16 -15.52 1.05
CA PRO A 127 7.59 -16.86 1.36
C PRO A 127 8.22 -16.89 2.75
N SER A 128 8.13 -18.02 3.44
N SER A 128 8.12 -18.03 3.45
CA SER A 128 8.77 -18.17 4.74
CA SER A 128 8.78 -18.17 4.74
C SER A 128 10.26 -17.85 4.62
C SER A 128 10.26 -17.82 4.59
N GLY A 129 10.77 -17.04 5.54
CA GLY A 129 12.17 -16.63 5.53
C GLY A 129 12.49 -15.39 4.69
N HIS A 130 11.49 -14.81 4.05
CA HIS A 130 11.71 -13.62 3.22
C HIS A 130 10.56 -12.64 3.41
N GLY A 131 10.64 -11.83 4.45
CA GLY A 131 9.55 -10.96 4.85
C GLY A 131 9.61 -9.53 4.31
N ALA A 132 10.47 -9.31 3.33
CA ALA A 132 10.58 -8.01 2.69
C ALA A 132 11.05 -8.24 1.26
N LEU A 133 10.35 -7.65 0.30
CA LEU A 133 10.58 -7.92 -1.11
C LEU A 133 10.51 -6.63 -1.90
N THR A 134 10.92 -6.68 -3.15
CA THR A 134 10.60 -5.63 -4.11
C THR A 134 9.93 -6.27 -5.33
N GLY A 135 9.31 -5.44 -6.15
CA GLY A 135 8.57 -5.93 -7.30
C GLY A 135 7.72 -4.81 -7.89
N THR A 136 6.50 -5.17 -8.30
CA THR A 136 5.66 -4.25 -9.07
C THR A 136 4.26 -4.17 -8.49
N PHE A 137 3.57 -3.10 -8.86
CA PHE A 137 2.16 -2.96 -8.54
C PHE A 137 1.41 -2.40 -9.74
N THR A 138 0.14 -2.78 -9.85
CA THR A 138 -0.72 -2.25 -10.88
C THR A 138 -2.13 -2.09 -10.33
N GLU A 139 -2.70 -0.92 -10.50
CA GLU A 139 -4.07 -0.69 -10.05
C GLU A 139 -5.04 -1.49 -10.92
N VAL A 140 -5.93 -2.27 -10.29
CA VAL A 140 -6.86 -3.11 -11.01
C VAL A 140 -8.25 -2.89 -10.46
N SER A 141 -9.27 -3.31 -11.21
CA SER A 141 -10.62 -3.29 -10.70
C SER A 141 -10.73 -4.03 -9.36
N CYS A 142 -11.50 -3.47 -8.42
CA CYS A 142 -11.78 -4.19 -7.19
C CYS A 142 -12.67 -5.41 -7.40
N SER A 143 -13.16 -5.62 -8.62
CA SER A 143 -13.82 -6.88 -8.92
C SER A 143 -12.81 -8.05 -8.86
N GLN A 144 -11.52 -7.73 -8.92
CA GLN A 144 -10.47 -8.74 -8.82
C GLN A 144 -10.05 -8.98 -7.38
N TRP A 145 -10.64 -8.21 -6.47
CA TRP A 145 -10.39 -8.31 -5.04
C TRP A 145 -11.57 -8.98 -4.36
N SER A 146 -11.29 -9.84 -3.40
N SER A 146 -11.31 -9.88 -3.42
CA SER A 146 -12.34 -10.58 -2.72
CA SER A 146 -12.41 -10.56 -2.76
C SER A 146 -12.50 -10.01 -1.31
C SER A 146 -12.53 -10.10 -1.31
N GLY A 147 -13.72 -9.62 -0.95
CA GLY A 147 -13.97 -9.21 0.42
C GLY A 147 -15.06 -8.17 0.50
N SER A 148 -15.27 -7.69 1.72
CA SER A 148 -16.27 -6.67 1.99
C SER A 148 -15.66 -5.59 2.87
N ASP A 149 -16.14 -4.36 2.72
CA ASP A 149 -15.64 -3.25 3.53
C ASP A 149 -16.30 -3.29 4.90
N GLY A 150 -15.57 -2.79 5.90
CA GLY A 150 -16.08 -2.61 7.24
C GLY A 150 -16.86 -1.32 7.39
N GLY A 151 -17.44 -1.16 8.58
CA GLY A 151 -18.19 0.03 8.91
C GLY A 151 -17.28 1.23 9.14
N GLN A 152 -17.86 2.41 9.02
CA GLN A 152 -17.10 3.63 9.25
C GLN A 152 -16.69 3.78 10.70
N LEU A 153 -15.43 4.11 10.93
CA LEU A 153 -14.93 4.30 12.27
C LEU A 153 -15.14 5.72 12.78
N TRP A 154 -15.30 6.66 11.85
CA TRP A 154 -15.40 8.07 12.18
C TRP A 154 -15.93 8.79 10.94
N ASN A 155 -16.48 9.98 11.15
CA ASN A 155 -17.05 10.71 10.03
C ASN A 155 -15.98 11.05 9.00
N GLY A 156 -16.31 10.94 7.72
CA GLY A 156 -15.34 11.23 6.68
C GLY A 156 -14.50 10.04 6.27
N ALA A 157 -14.73 8.88 6.88
CA ALA A 157 -14.14 7.63 6.40
C ALA A 157 -14.44 7.42 4.92
N CYS A 158 -13.50 6.84 4.17
CA CYS A 158 -13.69 6.76 2.73
C CYS A 158 -12.90 5.62 2.13
N LEU A 159 -13.55 4.82 1.28
CA LEU A 159 -12.88 3.82 0.45
C LEU A 159 -13.34 3.95 -1.01
N SER A 160 -13.74 5.15 -1.42
N SER A 160 -13.72 5.16 -1.42
CA SER A 160 -14.34 5.32 -2.75
CA SER A 160 -14.31 5.37 -2.74
C SER A 160 -13.35 5.14 -3.91
C SER A 160 -13.36 5.09 -3.91
N GLY A 161 -12.06 4.96 -3.63
CA GLY A 161 -11.13 4.53 -4.65
C GLY A 161 -11.51 3.19 -5.25
N GLU A 162 -12.35 2.42 -4.53
CA GLU A 162 -12.72 1.08 -4.96
C GLU A 162 -13.56 1.08 -6.24
N THR A 163 -14.17 2.23 -6.60
CA THR A 163 -14.91 2.32 -7.87
C THR A 163 -14.53 3.53 -8.71
N ALA A 164 -13.51 4.27 -8.29
CA ALA A 164 -13.04 5.42 -9.06
C ALA A 164 -12.21 4.94 -10.25
N PRO A 165 -12.02 5.80 -11.26
CA PRO A 165 -11.07 5.41 -12.31
C PRO A 165 -9.64 5.30 -11.76
N ASN A 166 -8.74 4.69 -12.52
CA ASN A 166 -7.35 4.58 -12.10
C ASN A 166 -6.74 5.94 -11.81
N TRP A 167 -5.81 5.95 -10.87
CA TRP A 167 -4.97 7.13 -10.71
C TRP A 167 -4.40 7.49 -12.07
N PRO A 168 -4.22 8.78 -12.35
CA PRO A 168 -4.35 9.89 -11.39
C PRO A 168 -5.77 10.45 -11.22
N SER A 169 -6.80 9.81 -11.79
CA SER A 169 -8.17 10.22 -11.48
C SER A 169 -8.38 10.15 -9.98
N THR A 170 -9.15 11.08 -9.43
CA THR A 170 -9.30 11.15 -7.98
C THR A 170 -10.58 10.49 -7.45
N ALA A 171 -10.58 10.29 -6.13
CA ALA A 171 -11.66 9.61 -5.45
C ALA A 171 -11.88 10.29 -4.09
N CYS A 172 -11.32 9.73 -3.03
CA CYS A 172 -11.50 10.33 -1.70
C CYS A 172 -10.89 11.72 -1.58
N GLY A 173 -9.80 11.96 -2.32
CA GLY A 173 -9.10 13.24 -2.27
C GLY A 173 -8.00 13.27 -1.23
N ASN A 174 -6.94 14.03 -1.53
CA ASN A 174 -5.82 14.16 -0.63
C ASN A 174 -6.06 15.21 0.44
N LYS A 175 -5.44 15.01 1.60
N LYS A 175 -5.45 14.99 1.61
CA LYS A 175 -5.51 15.95 2.72
CA LYS A 175 -5.50 15.92 2.72
C LYS A 175 -4.11 16.42 3.07
C LYS A 175 -4.09 16.43 3.00
N GLY A 176 -3.99 17.69 3.44
CA GLY A 176 -2.72 18.24 3.86
C GLY A 176 -1.69 18.28 2.76
N THR A 177 -0.43 18.19 3.17
CA THR A 177 0.70 18.41 2.28
C THR A 177 1.64 17.21 2.35
N ALA A 178 2.15 16.83 1.19
CA ALA A 178 3.07 15.70 1.07
C ALA A 178 4.23 15.85 2.05
N PRO A 179 4.72 14.74 2.62
CA PRO A 179 5.90 14.81 3.49
C PRO A 179 7.09 15.32 2.68
N SER A 180 7.90 16.15 3.32
CA SER A 180 8.99 16.85 2.63
C SER A 180 10.36 16.26 2.95
C1 GLC B . 3.95 1.31 10.65
C2 GLC B . 3.69 2.47 11.59
C3 GLC B . 2.25 2.47 12.08
C4 GLC B . 1.30 2.35 10.91
C5 GLC B . 1.67 1.18 10.05
C6 GLC B . 0.76 1.15 8.80
O1 GLC B . 3.97 0.08 11.36
O2 GLC B . 4.60 2.47 12.66
O3 GLC B . 2.02 3.66 12.83
O4 GLC B . -0.01 2.16 11.48
O5 GLC B . 2.98 1.32 9.63
O6 GLC B . 1.22 0.19 7.85
H3 GLC B . 2.11 1.69 12.68
C2 BGC B . -2.27 2.66 11.68
C3 BGC B . -3.40 3.65 11.38
C4 BGC B . -2.91 5.08 11.39
C5 BGC B . -1.64 5.19 10.54
C6 BGC B . -1.14 6.61 10.37
C1 BGC B . -1.00 3.00 10.92
O2 BGC B . -2.67 1.32 11.36
O3 BGC B . -4.40 3.43 12.37
O4 BGC B . -3.88 5.93 10.78
O5 BGC B . -0.66 4.34 11.13
O6 BGC B . -0.85 7.17 11.64
HO2 BGC B . -3.44 1.12 11.81
HO6 BGC B . -0.28 6.65 12.08
C2 BGC B . -5.01 7.99 10.88
C3 BGC B . -5.87 8.90 11.78
C4 BGC B . -6.99 8.12 12.41
C5 BGC B . -6.45 6.85 13.04
C6 BGC B . -7.55 5.93 13.57
C1 BGC B . -4.56 6.80 11.66
O2 BGC B . -3.89 8.71 10.41
O3 BGC B . -6.35 9.97 11.02
O4 BGC B . -7.56 8.90 13.47
O5 BGC B . -5.71 6.10 12.09
O6 BGC B . -8.40 5.50 12.50
H3 BGC B . -5.29 9.26 12.50
H5 BGC B . -5.85 7.09 13.80
H61 BGC B . -7.13 5.11 14.01
H62 BGC B . -8.11 6.45 14.25
HO2 BGC B . -4.01 8.93 9.59
C2 BGC B . -9.52 9.76 14.51
C3 BGC B . -10.87 10.38 14.21
C4 BGC B . -10.78 11.51 13.23
C5 BGC B . -9.96 11.09 12.02
C6 BGC B . -9.73 12.21 11.03
C1 BGC B . -8.86 9.41 13.20
O2 BGC B . -9.70 8.61 15.32
O3 BGC B . -11.48 10.80 15.44
O4 BGC B . -12.12 11.79 12.74
O5 BGC B . -8.69 10.54 12.43
O6 BGC B . -9.09 13.33 11.65
H62 BGC B . -10.58 12.49 10.65
C2 BGC B . -13.81 13.28 11.96
C3 BGC B . -14.52 14.59 12.21
C4 BGC B . -14.76 14.76 13.70
C5 BGC B . -13.41 14.66 14.38
C6 BGC B . -13.51 14.84 15.90
C1 BGC B . -12.55 13.13 12.80
O2 BGC B . -13.44 13.18 10.59
O3 BGC B . -15.79 14.64 11.54
O4 BGC B . -15.38 15.99 13.98
O5 BGC B . -12.85 13.35 14.13
O6 BGC B . -14.43 13.88 16.43
HO2 BGC B . -13.81 12.44 10.23
C2 BGC C . 21.51 -17.12 2.75
C3 BGC C . 21.08 -15.65 3.01
C4 BGC C . 21.02 -15.37 4.49
C5 BGC C . 22.40 -15.70 5.13
C6 BGC C . 22.41 -15.52 6.66
C1 BGC C . 22.84 -17.40 3.44
O1 BGC C . 23.03 -18.83 3.40
O2 BGC C . 21.64 -17.35 1.36
O3 BGC C . 19.81 -15.44 2.38
O4 BGC C . 20.80 -14.00 4.72
O5 BGC C . 22.73 -17.04 4.81
O6 BGC C . 21.26 -16.17 7.16
H2 BGC C . 20.75 -17.80 3.13
C2 BGC C . 19.73 -12.43 6.12
C3 BGC C . 18.41 -12.09 6.83
C4 BGC C . 17.34 -12.03 5.74
C5 BGC C . 17.27 -13.36 4.96
C6 BGC C . 16.31 -13.27 3.79
C1 BGC C . 19.60 -13.78 5.43
O2 BGC C . 20.83 -12.30 6.96
O3 BGC C . 18.61 -10.88 7.53
O4 BGC C . 16.08 -11.87 6.40
O5 BGC C . 18.58 -13.69 4.45
O6 BGC C . 16.76 -12.19 2.97
H5 BGC C . 16.91 -14.13 5.63
C2 BGC C . 13.94 -10.89 6.47
C3 BGC C . 13.19 -9.57 6.30
C4 BGC C . 13.81 -8.50 7.19
C5 BGC C . 15.33 -8.42 6.97
C6 BGC C . 16.07 -7.49 7.96
C1 BGC C . 15.42 -10.65 6.19
O2 BGC C . 13.37 -11.88 5.57
O3 BGC C . 11.78 -9.77 6.57
O4 BGC C . 13.29 -7.23 6.83
O5 BGC C . 15.89 -9.74 7.12
O6 BGC C . 15.85 -8.00 9.29
H1 BGC C . 15.57 -10.31 5.18
C2 BGC C . 12.28 -5.21 7.47
C3 BGC C . 11.29 -4.62 8.45
C4 BGC C . 9.95 -5.38 8.39
C5 BGC C . 10.14 -6.92 8.41
C6 BGC C . 8.79 -7.60 8.13
C1 BGC C . 12.37 -6.71 7.70
O2 BGC C . 13.52 -4.54 7.70
O3 BGC C . 11.03 -3.23 8.15
O4 BGC C . 9.15 -5.01 9.53
O5 BGC C . 11.08 -7.27 7.42
O6 BGC C . 8.20 -7.24 6.87
H5 BGC C . 10.48 -7.23 9.38
H1 BGC C . 12.66 -6.90 8.73
HO6 BGC C . 8.13 -6.32 6.82
C2 BGC C . 7.18 -4.26 10.47
C3 BGC C . 6.01 -3.30 10.34
C4 BGC C . 6.44 -1.98 9.74
C5 BGC C . 7.17 -2.28 8.42
C6 BGC C . 7.59 -1.07 7.63
C1 BGC C . 7.94 -4.37 9.19
O2 BGC C . 6.60 -5.54 10.79
O3 BGC C . 5.43 -3.03 11.64
O4 BGC C . 5.29 -1.21 9.52
O5 BGC C . 8.31 -3.08 8.73
O6 BGC C . 8.49 -0.25 8.37
H4 BGC C . 7.11 -1.43 10.41
C01 40S D . -10.21 5.11 15.74
C02 40S D . -11.00 4.11 16.56
C03 40S D . -9.98 3.29 17.35
C04 40S D . -10.45 1.91 17.71
O05 40S D . -9.42 1.19 18.38
C06 40S D . -12.04 4.79 17.44
C07 40S D . -13.14 5.53 16.70
O08 40S D . -14.02 4.58 16.09
C01 40S E . -6.04 13.66 17.77
C02 40S E . -6.02 12.44 16.87
C03 40S E . -6.95 11.35 17.35
C04 40S E . -6.46 10.68 18.62
O05 40S E . -7.25 9.53 18.84
C06 40S E . -6.33 12.83 15.44
C07 40S E . -5.40 13.94 14.97
O08 40S E . -4.07 13.48 15.06
C01 40S F . -11.24 -7.50 11.81
C02 40S F . -10.43 -7.44 10.54
C03 40S F . -9.88 -6.04 10.32
C04 40S F . -8.37 -5.98 10.36
O05 40S F . -7.98 -6.27 11.69
C06 40S F . -11.26 -7.87 9.35
C07 40S F . -11.95 -9.20 9.58
O08 40S F . -12.47 -9.67 8.36
C01 40S G . -9.04 -15.88 8.27
C02 40S G . -8.06 -15.99 7.11
C03 40S G . -7.81 -14.61 6.57
C04 40S G . -9.10 -13.82 6.59
O05 40S G . -9.09 -12.94 7.70
C06 40S G . -8.61 -16.89 6.03
C07 40S G . -10.09 -17.18 6.23
O08 40S G . -10.44 -18.20 5.32
C01 40S H . -15.50 9.34 -6.00
C02 40S H . -16.01 8.70 -7.28
C03 40S H . -16.24 7.22 -7.10
C04 40S H . -17.69 6.85 -7.24
O05 40S H . -17.88 5.63 -6.58
C06 40S H . -15.06 8.97 -8.43
C07 40S H . -15.62 9.97 -9.43
O08 40S H . -15.04 9.73 -10.68
C TRS I . -10.26 0.92 -9.31
C1 TRS I . -9.92 -0.03 -8.17
C2 TRS I . -11.78 0.89 -9.49
C3 TRS I . -9.52 0.55 -10.60
N TRS I . -9.81 2.28 -8.94
O1 TRS I . -8.53 -0.04 -7.89
O2 TRS I . -12.17 -0.43 -9.78
O3 TRS I . -9.63 1.63 -11.51
C TRS J . 17.55 7.59 -0.81
C1 TRS J . 18.80 6.77 -0.46
C2 TRS J . 18.04 8.91 -1.39
C3 TRS J . 16.67 7.79 0.41
N TRS J . 16.73 6.90 -1.82
O1 TRS J . 18.42 5.47 -0.09
O2 TRS J . 16.94 9.68 -1.82
O3 TRS J . 17.32 8.62 1.35
#